data_5VKY
#
_entry.id   5VKY
#
_cell.length_a   50.390
_cell.length_b   161.259
_cell.length_c   33.258
_cell.angle_alpha   90.000
_cell.angle_beta   90.000
_cell.angle_gamma   90.000
#
_symmetry.space_group_name_H-M   'P 21 21 2'
#
loop_
_entity.id
_entity.type
_entity.pdbx_description
1 polymer 'Topoisomerase I damage affected protein 2'
2 water water
#
_entity_poly.entity_id   1
_entity_poly.type   'polypeptide(L)'
_entity_poly.pdbx_seq_one_letter_code
;MHHHHHHSSGSMQIEIKDGRSDNSPLPERKLVTLIQESYDSLKDDNEINLSTESTSNLLIKLVLEKLEKHSSLYKYIASV
TTLNIEGLNEENANFSLKNDIGASWESKKDGIFNYKLEDKNNNECYLITILWLHK
;
_entity_poly.pdbx_strand_id   A,B
#
# COMPACT_ATOMS: atom_id res chain seq x y z
N ILE A 14 14.16 11.46 -3.62
CA ILE A 14 13.16 10.46 -3.96
C ILE A 14 13.81 9.11 -4.10
N GLU A 15 13.27 8.12 -3.39
CA GLU A 15 13.82 6.77 -3.40
C GLU A 15 12.67 5.80 -3.60
N ILE A 16 12.75 5.01 -4.66
CA ILE A 16 11.87 3.85 -4.82
C ILE A 16 12.35 2.77 -3.86
N LYS A 17 11.44 2.31 -3.00
CA LYS A 17 11.83 1.34 -1.97
C LYS A 17 11.95 -0.05 -2.55
N ASP A 18 13.05 -0.72 -2.21
CA ASP A 18 13.40 -2.04 -2.73
C ASP A 18 12.67 -3.11 -1.94
N GLY A 19 11.75 -3.82 -2.60
CA GLY A 19 11.00 -4.86 -1.91
C GLY A 19 11.86 -6.04 -1.50
N ARG A 20 12.92 -6.32 -2.24
CA ARG A 20 13.81 -7.45 -1.96
C ARG A 20 15.17 -6.92 -1.50
N SER A 21 15.16 -6.29 -0.33
CA SER A 21 16.36 -5.79 0.32
C SER A 21 16.26 -6.13 1.80
N ASP A 22 17.43 -6.29 2.43
CA ASP A 22 17.52 -6.92 3.76
C ASP A 22 17.69 -5.87 4.85
N ASN A 23 16.60 -5.15 5.08
CA ASN A 23 16.58 -4.02 5.99
C ASN A 23 15.90 -4.30 7.32
N SER A 24 15.00 -5.28 7.36
CA SER A 24 13.99 -5.30 8.40
C SER A 24 14.59 -5.54 9.78
N PRO A 25 13.91 -5.08 10.84
CA PRO A 25 14.31 -5.44 12.20
C PRO A 25 14.26 -6.94 12.48
N LEU A 26 13.63 -7.72 11.61
CA LEU A 26 13.61 -9.16 11.76
C LEU A 26 13.80 -9.80 10.39
N PRO A 27 14.29 -11.05 10.35
CA PRO A 27 14.57 -11.68 9.05
C PRO A 27 13.28 -11.93 8.29
N GLU A 28 13.42 -11.94 6.95
CA GLU A 28 12.27 -12.06 6.06
C GLU A 28 11.41 -13.26 6.41
N ARG A 29 12.05 -14.41 6.67
CA ARG A 29 11.34 -15.63 7.01
C ARG A 29 10.34 -15.39 8.13
N LYS A 30 10.72 -14.60 9.12
CA LYS A 30 9.84 -14.31 10.25
C LYS A 30 8.78 -13.27 9.86
N LEU A 31 9.03 -12.49 8.82
CA LEU A 31 8.02 -11.57 8.29
C LEU A 31 6.92 -12.34 7.59
N VAL A 32 7.29 -13.32 6.76
CA VAL A 32 6.32 -14.16 6.10
C VAL A 32 5.42 -14.84 7.14
N THR A 33 6.04 -15.44 8.15
CA THR A 33 5.30 -16.14 9.20
C THR A 33 4.38 -15.18 9.96
N LEU A 34 4.92 -14.05 10.40
CA LEU A 34 4.11 -13.04 11.06
C LEU A 34 2.85 -12.73 10.26
N ILE A 35 2.96 -12.68 8.93
CA ILE A 35 1.83 -12.27 8.10
C ILE A 35 0.89 -13.44 7.83
N GLN A 36 1.45 -14.59 7.46
CA GLN A 36 0.64 -15.77 7.17
C GLN A 36 -0.17 -16.19 8.40
N GLU A 37 0.46 -16.18 9.58
CA GLU A 37 -0.24 -16.60 10.79
C GLU A 37 -1.35 -15.63 11.17
N SER A 38 -1.09 -14.32 11.06
CA SER A 38 -2.14 -13.32 11.25
C SER A 38 -3.30 -13.59 10.31
N TYR A 39 -2.99 -13.86 9.04
CA TYR A 39 -4.06 -14.13 8.07
C TYR A 39 -4.80 -15.41 8.40
N ASP A 40 -4.05 -16.50 8.66
CA ASP A 40 -4.67 -17.77 9.01
C ASP A 40 -5.56 -17.62 10.24
N SER A 41 -5.14 -16.80 11.20
CA SER A 41 -5.95 -16.57 12.38
C SER A 41 -7.28 -15.89 12.05
N LEU A 42 -7.37 -15.17 10.92
CA LEU A 42 -8.66 -14.55 10.56
C LEU A 42 -9.52 -15.51 9.75
N LYS A 43 -8.91 -16.36 8.93
CA LYS A 43 -9.66 -17.29 8.08
C LYS A 43 -9.97 -18.61 8.78
N ASP A 44 -9.40 -18.87 9.96
CA ASP A 44 -9.73 -20.06 10.73
C ASP A 44 -11.24 -20.17 10.89
N ASP A 45 -11.79 -21.33 10.51
CA ASP A 45 -13.21 -21.59 10.64
C ASP A 45 -13.73 -21.47 12.08
N ASN A 46 -12.83 -21.45 13.07
CA ASN A 46 -13.20 -21.29 14.47
C ASN A 46 -13.28 -19.84 14.91
N GLU A 47 -12.98 -18.89 14.02
CA GLU A 47 -12.95 -17.49 14.42
C GLU A 47 -14.30 -16.84 14.23
N ILE A 48 -14.64 -15.97 15.16
CA ILE A 48 -15.88 -15.22 15.16
C ILE A 48 -15.51 -13.74 15.19
N ASN A 49 -16.06 -12.98 14.28
CA ASN A 49 -15.84 -11.53 14.26
C ASN A 49 -17.20 -10.88 14.49
N LEU A 50 -17.41 -10.33 15.68
CA LEU A 50 -18.68 -9.69 15.99
C LEU A 50 -18.70 -8.20 15.66
N SER A 51 -17.60 -7.66 15.11
CA SER A 51 -17.50 -6.29 14.62
C SER A 51 -17.81 -6.28 13.13
N THR A 52 -17.86 -5.07 12.55
CA THR A 52 -17.93 -4.94 11.10
C THR A 52 -16.55 -4.74 10.46
N GLU A 53 -15.46 -4.95 11.19
CA GLU A 53 -14.15 -4.76 10.61
C GLU A 53 -13.89 -5.82 9.54
N SER A 54 -13.42 -5.37 8.39
CA SER A 54 -13.08 -6.27 7.31
C SER A 54 -11.84 -7.11 7.65
N THR A 55 -11.66 -8.18 6.87
CA THR A 55 -10.46 -9.00 6.97
C THR A 55 -9.20 -8.17 6.81
N SER A 56 -9.20 -7.28 5.83
CA SER A 56 -8.02 -6.49 5.54
C SER A 56 -7.66 -5.61 6.72
N ASN A 57 -8.66 -4.96 7.33
CA ASN A 57 -8.39 -4.09 8.46
C ASN A 57 -7.98 -4.89 9.71
N LEU A 58 -8.56 -6.07 9.90
CA LEU A 58 -8.12 -6.91 11.03
C LEU A 58 -6.70 -7.40 10.81
N LEU A 59 -6.38 -7.80 9.57
CA LEU A 59 -5.01 -8.19 9.25
C LEU A 59 -4.04 -7.06 9.61
N ILE A 60 -4.40 -5.83 9.26
CA ILE A 60 -3.49 -4.71 9.51
C ILE A 60 -3.22 -4.53 10.99
N LYS A 61 -4.27 -4.65 11.81
CA LYS A 61 -4.11 -4.49 13.25
C LYS A 61 -3.27 -5.61 13.83
N LEU A 62 -3.53 -6.85 13.45
CA LEU A 62 -2.72 -7.97 13.93
C LEU A 62 -1.26 -7.81 13.53
N VAL A 63 -1.00 -7.41 12.27
CA VAL A 63 0.38 -7.38 11.81
C VAL A 63 1.15 -6.27 12.52
N LEU A 64 0.52 -5.13 12.72
CA LEU A 64 1.20 -4.02 13.40
C LEU A 64 1.50 -4.37 14.85
N GLU A 65 0.57 -5.05 15.53
CA GLU A 65 0.80 -5.49 16.90
C GLU A 65 2.06 -6.34 16.98
N LYS A 66 2.15 -7.37 16.14
CA LYS A 66 3.30 -8.27 16.18
C LYS A 66 4.59 -7.57 15.78
N LEU A 67 4.52 -6.55 14.92
CA LEU A 67 5.73 -5.83 14.58
C LEU A 67 6.20 -4.98 15.75
N GLU A 68 5.28 -4.30 16.43
CA GLU A 68 5.62 -3.49 17.58
C GLU A 68 6.31 -4.32 18.67
N LYS A 69 5.81 -5.53 18.92
CA LYS A 69 6.41 -6.39 19.95
C LYS A 69 7.82 -6.81 19.59
N HIS A 70 8.09 -7.05 18.30
CA HIS A 70 9.43 -7.49 17.91
C HIS A 70 10.47 -6.39 18.10
N SER A 71 10.14 -5.16 17.74
CA SER A 71 11.11 -4.06 17.85
C SER A 71 10.38 -2.75 17.96
N SER A 72 10.68 -1.99 19.01
CA SER A 72 10.14 -0.65 19.18
C SER A 72 11.03 0.43 18.58
N LEU A 73 12.09 0.06 17.90
CA LEU A 73 12.99 1.07 17.33
C LEU A 73 12.48 1.61 16.01
N TYR A 74 11.35 1.08 15.52
CA TYR A 74 10.80 1.45 14.23
C TYR A 74 9.33 1.81 14.41
N LYS A 75 8.90 2.79 13.60
CA LYS A 75 7.49 2.95 13.27
C LYS A 75 7.13 2.06 12.09
N TYR A 76 5.91 1.55 12.10
CA TYR A 76 5.47 0.60 11.08
C TYR A 76 4.22 1.13 10.41
N ILE A 77 4.14 0.92 9.10
CA ILE A 77 2.95 1.16 8.31
C ILE A 77 2.58 -0.15 7.64
N ALA A 78 1.30 -0.51 7.68
CA ALA A 78 0.84 -1.71 6.99
C ALA A 78 -0.28 -1.32 6.04
N SER A 79 -0.11 -1.65 4.77
CA SER A 79 -1.05 -1.29 3.72
C SER A 79 -1.52 -2.58 3.04
N VAL A 80 -2.84 -2.74 2.92
CA VAL A 80 -3.41 -3.92 2.27
C VAL A 80 -4.31 -3.46 1.14
N THR A 81 -4.04 -3.95 -0.08
CA THR A 81 -4.96 -3.83 -1.19
C THR A 81 -5.81 -5.09 -1.29
N THR A 82 -7.13 -4.91 -1.41
CA THR A 82 -8.09 -6.00 -1.54
C THR A 82 -8.64 -6.00 -2.96
N LEU A 83 -8.40 -7.08 -3.69
CA LEU A 83 -9.01 -7.30 -4.99
C LEU A 83 -10.17 -8.28 -4.82
N ASN A 84 -11.36 -7.87 -5.22
CA ASN A 84 -12.53 -8.71 -5.13
C ASN A 84 -13.08 -8.88 -6.54
N ILE A 85 -13.18 -10.11 -7.01
CA ILE A 85 -13.61 -10.36 -8.37
C ILE A 85 -15.04 -10.87 -8.35
N GLU A 86 -15.87 -10.25 -9.18
CA GLU A 86 -17.28 -10.57 -9.32
C GLU A 86 -17.53 -11.03 -10.75
N GLY A 87 -18.36 -12.07 -10.90
CA GLY A 87 -18.81 -12.49 -12.21
C GLY A 87 -17.99 -13.58 -12.84
N LEU A 88 -16.99 -14.13 -12.14
CA LEU A 88 -16.23 -15.29 -12.59
C LEU A 88 -15.33 -15.72 -11.44
N ASN A 89 -14.97 -16.99 -11.44
CA ASN A 89 -14.13 -17.52 -10.37
C ASN A 89 -12.70 -17.04 -10.54
N GLU A 90 -12.11 -16.61 -9.42
CA GLU A 90 -10.91 -15.79 -9.44
C GLU A 90 -9.70 -16.56 -9.96
N GLU A 91 -9.69 -17.90 -9.80
CA GLU A 91 -8.60 -18.72 -10.30
C GLU A 91 -8.70 -18.98 -11.80
N ASN A 92 -9.83 -18.67 -12.43
CA ASN A 92 -9.99 -18.76 -13.87
C ASN A 92 -9.70 -17.43 -14.58
N ALA A 93 -9.34 -16.40 -13.82
CA ALA A 93 -9.05 -15.09 -14.38
C ALA A 93 -7.55 -14.93 -14.54
N ASN A 94 -7.15 -14.29 -15.63
CA ASN A 94 -5.75 -13.95 -15.86
C ASN A 94 -5.55 -12.47 -15.56
N PHE A 95 -4.78 -12.19 -14.51
CA PHE A 95 -4.49 -10.81 -14.12
C PHE A 95 -3.16 -10.80 -13.38
N SER A 96 -2.55 -9.63 -13.31
CA SER A 96 -1.44 -9.41 -12.41
C SER A 96 -1.81 -8.30 -11.43
N LEU A 97 -1.30 -8.41 -10.21
CA LEU A 97 -1.56 -7.43 -9.16
C LEU A 97 -0.23 -7.11 -8.53
N LYS A 98 0.30 -5.92 -8.80
CA LYS A 98 1.60 -5.53 -8.31
C LYS A 98 1.49 -4.27 -7.46
N ASN A 99 2.56 -3.98 -6.71
CA ASN A 99 2.66 -2.76 -5.92
C ASN A 99 4.06 -2.15 -6.07
N ASP A 100 4.11 -0.82 -6.10
CA ASP A 100 5.39 -0.10 -6.00
C ASP A 100 5.25 1.00 -4.97
N ILE A 101 6.35 1.33 -4.31
CA ILE A 101 6.34 2.32 -3.24
C ILE A 101 7.55 3.21 -3.36
N GLY A 102 7.33 4.52 -3.20
CA GLY A 102 8.41 5.47 -3.12
C GLY A 102 8.24 6.41 -1.94
N ALA A 103 9.38 6.85 -1.41
CA ALA A 103 9.45 7.80 -0.30
C ALA A 103 10.19 9.06 -0.73
N SER A 104 9.80 10.19 -0.13
CA SER A 104 10.39 11.50 -0.40
C SER A 104 11.77 11.69 0.23
N TRP A 105 12.30 10.69 0.94
CA TRP A 105 13.61 10.81 1.57
C TRP A 105 14.30 9.46 1.49
N GLU A 106 15.59 9.46 1.80
CA GLU A 106 16.40 8.25 1.77
C GLU A 106 16.88 7.91 3.17
N SER A 107 16.49 6.73 3.63
CA SER A 107 17.08 6.13 4.82
C SER A 107 17.47 4.72 4.41
N LYS A 108 18.74 4.38 4.63
CA LYS A 108 19.15 3.00 4.40
C LYS A 108 18.50 2.06 5.39
N LYS A 109 17.95 2.58 6.49
CA LYS A 109 17.35 1.74 7.51
C LYS A 109 15.86 1.51 7.30
N ASP A 110 15.17 2.41 6.60
CA ASP A 110 13.77 2.19 6.23
C ASP A 110 13.68 1.18 5.09
N GLY A 111 12.65 0.35 5.12
CA GLY A 111 12.46 -0.65 4.09
C GLY A 111 11.02 -1.09 3.99
N ILE A 112 10.74 -1.93 2.99
CA ILE A 112 9.41 -2.44 2.74
C ILE A 112 9.49 -3.93 2.43
N PHE A 113 8.35 -4.60 2.58
CA PHE A 113 8.22 -6.01 2.20
C PHE A 113 6.81 -6.22 1.65
N ASN A 114 6.72 -6.92 0.52
CA ASN A 114 5.45 -7.24 -0.12
C ASN A 114 5.13 -8.71 0.03
N TYR A 115 3.83 -9.01 0.05
CA TYR A 115 3.39 -10.37 0.20
C TYR A 115 1.97 -10.45 -0.33
N LYS A 116 1.67 -11.54 -1.03
CA LYS A 116 0.39 -11.76 -1.67
C LYS A 116 -0.31 -12.92 -0.98
N LEU A 117 -1.57 -12.73 -0.60
CA LEU A 117 -2.41 -13.79 -0.07
C LEU A 117 -3.64 -13.92 -0.95
N GLU A 118 -4.05 -15.14 -1.22
CA GLU A 118 -5.21 -15.41 -2.04
C GLU A 118 -6.27 -16.17 -1.25
N ASP A 119 -7.53 -15.82 -1.48
CA ASP A 119 -8.68 -16.54 -0.92
C ASP A 119 -9.50 -16.96 -2.12
N LYS A 120 -9.16 -18.12 -2.69
CA LYS A 120 -9.84 -18.61 -3.89
C LYS A 120 -11.34 -18.77 -3.66
N ASN A 121 -11.73 -19.20 -2.45
CA ASN A 121 -13.11 -19.50 -2.16
C ASN A 121 -13.98 -18.26 -2.00
N ASN A 122 -13.41 -17.11 -1.65
CA ASN A 122 -14.17 -15.88 -1.59
C ASN A 122 -13.89 -14.96 -2.77
N ASN A 123 -13.18 -15.45 -3.79
CA ASN A 123 -12.85 -14.68 -4.98
C ASN A 123 -12.14 -13.39 -4.62
N GLU A 124 -11.11 -13.52 -3.78
CA GLU A 124 -10.44 -12.37 -3.22
C GLU A 124 -8.93 -12.60 -3.23
N CYS A 125 -8.20 -11.53 -3.50
CA CYS A 125 -6.75 -11.52 -3.44
C CYS A 125 -6.33 -10.32 -2.61
N TYR A 126 -5.33 -10.49 -1.77
CA TYR A 126 -4.80 -9.41 -0.96
C TYR A 126 -3.32 -9.22 -1.26
N LEU A 127 -2.91 -7.97 -1.35
CA LEU A 127 -1.51 -7.62 -1.52
C LEU A 127 -1.14 -6.76 -0.32
N ILE A 128 -0.29 -7.27 0.57
CA ILE A 128 0.08 -6.55 1.77
C ILE A 128 1.49 -6.01 1.62
N THR A 129 1.70 -4.76 2.05
CA THR A 129 3.00 -4.14 2.05
C THR A 129 3.29 -3.65 3.47
N ILE A 130 4.45 -4.04 4.00
CA ILE A 130 4.92 -3.57 5.29
C ILE A 130 6.00 -2.55 5.06
N LEU A 131 5.93 -1.42 5.75
CA LEU A 131 6.97 -0.42 5.71
C LEU A 131 7.46 -0.20 7.13
N TRP A 132 8.77 -0.29 7.34
CA TRP A 132 9.36 0.06 8.62
C TRP A 132 10.17 1.34 8.46
N LEU A 133 9.96 2.26 9.40
CA LEU A 133 10.65 3.55 9.42
C LEU A 133 11.51 3.62 10.68
N HIS A 134 12.82 3.72 10.51
CA HIS A 134 13.69 3.77 11.68
C HIS A 134 13.50 5.10 12.41
N LYS A 135 13.40 5.02 13.73
CA LYS A 135 13.11 6.18 14.54
C LYS A 135 14.35 7.01 14.82
N ILE B 14 -1.86 1.90 17.70
CA ILE B 14 -2.27 1.45 16.37
C ILE B 14 -3.51 2.17 15.87
N GLU B 15 -3.44 2.71 14.65
CA GLU B 15 -4.50 3.56 14.12
C GLU B 15 -4.66 3.29 12.63
N ILE B 16 -5.87 2.86 12.24
CA ILE B 16 -6.24 2.83 10.82
C ILE B 16 -6.42 4.25 10.32
N LYS B 17 -5.72 4.61 9.27
CA LYS B 17 -5.76 5.97 8.75
C LYS B 17 -6.91 6.14 7.78
N ASP B 18 -7.59 7.29 7.86
CA ASP B 18 -8.82 7.53 7.10
C ASP B 18 -8.52 8.14 5.73
N SER B 24 -4.30 17.92 5.82
CA SER B 24 -3.35 17.60 4.77
C SER B 24 -2.42 18.77 4.52
N PRO B 25 -1.31 18.52 3.81
CA PRO B 25 -0.49 19.65 3.33
C PRO B 25 -1.10 20.40 2.15
N LEU B 26 -2.07 19.82 1.48
CA LEU B 26 -2.69 20.35 0.29
C LEU B 26 -4.17 20.06 0.40
N PRO B 27 -5.03 20.98 -0.05
CA PRO B 27 -6.46 20.66 -0.16
C PRO B 27 -6.64 19.46 -1.07
N GLU B 28 -7.69 18.69 -0.80
CA GLU B 28 -7.89 17.46 -1.53
C GLU B 28 -8.02 17.72 -3.04
N ARG B 29 -8.75 18.77 -3.42
CA ARG B 29 -8.93 19.08 -4.85
C ARG B 29 -7.58 19.30 -5.54
N LYS B 30 -6.61 19.88 -4.84
CA LYS B 30 -5.28 20.02 -5.43
C LYS B 30 -4.58 18.68 -5.51
N LEU B 31 -4.78 17.80 -4.52
CA LEU B 31 -4.22 16.47 -4.55
C LEU B 31 -4.72 15.68 -5.75
N VAL B 32 -6.03 15.76 -6.03
CA VAL B 32 -6.57 15.16 -7.24
C VAL B 32 -5.87 15.70 -8.49
N THR B 33 -5.76 17.02 -8.59
CA THR B 33 -5.13 17.64 -9.75
C THR B 33 -3.67 17.21 -9.87
N LEU B 34 -2.97 17.26 -8.75
CA LEU B 34 -1.59 16.82 -8.68
C LEU B 34 -1.41 15.42 -9.28
N ILE B 35 -2.29 14.48 -8.90
CA ILE B 35 -2.12 13.08 -9.31
C ILE B 35 -2.60 12.88 -10.74
N GLN B 36 -3.76 13.46 -11.07
CA GLN B 36 -4.35 13.28 -12.38
C GLN B 36 -3.50 13.90 -13.48
N GLU B 37 -2.83 15.02 -13.18
CA GLU B 37 -1.96 15.63 -14.19
C GLU B 37 -0.71 14.81 -14.42
N SER B 38 -0.06 14.38 -13.33
CA SER B 38 1.08 13.47 -13.47
C SER B 38 0.71 12.28 -14.33
N TYR B 39 -0.47 11.70 -14.10
CA TYR B 39 -0.86 10.52 -14.88
C TYR B 39 -1.07 10.89 -16.34
N ASP B 40 -1.96 11.84 -16.62
CA ASP B 40 -2.25 12.22 -18.00
C ASP B 40 -0.97 12.59 -18.76
N SER B 41 -0.02 13.23 -18.09
CA SER B 41 1.24 13.59 -18.72
C SER B 41 2.10 12.39 -19.12
N LEU B 42 1.82 11.20 -18.58
CA LEU B 42 2.55 10.00 -18.97
C LEU B 42 1.86 9.28 -20.10
N LYS B 43 0.53 9.16 -20.02
CA LYS B 43 -0.26 8.44 -21.00
C LYS B 43 -0.59 9.28 -22.22
N ASP B 44 0.06 10.43 -22.38
CA ASP B 44 -0.15 11.31 -23.51
C ASP B 44 0.91 11.06 -24.57
N ASN B 49 8.34 7.09 -24.31
CA ASN B 49 9.25 6.45 -23.35
C ASN B 49 10.13 5.38 -23.99
N LEU B 50 11.44 5.60 -23.97
CA LEU B 50 12.39 4.65 -24.51
C LEU B 50 13.03 3.77 -23.43
N SER B 51 12.63 3.93 -22.17
CA SER B 51 13.02 3.05 -21.08
C SER B 51 11.98 1.95 -20.91
N THR B 52 12.27 1.01 -20.03
CA THR B 52 11.26 0.04 -19.61
C THR B 52 10.63 0.41 -18.27
N GLU B 53 10.87 1.62 -17.75
CA GLU B 53 10.20 2.04 -16.53
C GLU B 53 8.69 1.93 -16.69
N SER B 54 8.01 1.43 -15.67
CA SER B 54 6.58 1.26 -15.75
C SER B 54 5.85 2.58 -15.52
N THR B 55 4.61 2.63 -15.99
CA THR B 55 3.74 3.77 -15.67
C THR B 55 3.68 4.03 -14.16
N SER B 56 3.53 2.97 -13.37
CA SER B 56 3.38 3.16 -11.92
C SER B 56 4.63 3.77 -11.30
N ASN B 57 5.81 3.33 -11.72
CA ASN B 57 7.03 3.88 -11.15
C ASN B 57 7.23 5.33 -11.61
N LEU B 58 6.93 5.63 -12.87
CA LEU B 58 7.00 7.01 -13.32
C LEU B 58 5.98 7.90 -12.61
N LEU B 59 4.77 7.39 -12.39
CA LEU B 59 3.78 8.18 -11.67
C LEU B 59 4.25 8.51 -10.27
N ILE B 60 4.81 7.52 -9.57
CA ILE B 60 5.27 7.71 -8.20
C ILE B 60 6.28 8.85 -8.11
N LYS B 61 7.26 8.86 -9.02
CA LYS B 61 8.31 9.88 -8.98
C LYS B 61 7.74 11.27 -9.24
N LEU B 62 6.90 11.41 -10.27
CA LEU B 62 6.24 12.68 -10.54
C LEU B 62 5.53 13.20 -9.30
N VAL B 63 4.70 12.35 -8.69
CA VAL B 63 3.84 12.81 -7.58
C VAL B 63 4.69 13.26 -6.39
N LEU B 64 5.80 12.55 -6.12
CA LEU B 64 6.63 12.88 -4.97
C LEU B 64 7.41 14.18 -5.20
N GLU B 65 7.95 14.37 -6.41
CA GLU B 65 8.55 15.66 -6.79
C GLU B 65 7.61 16.81 -6.46
N LYS B 66 6.41 16.74 -7.01
CA LYS B 66 5.48 17.86 -6.90
C LYS B 66 5.00 18.07 -5.48
N LEU B 67 4.83 17.01 -4.70
CA LEU B 67 4.47 17.22 -3.29
C LEU B 67 5.64 17.80 -2.52
N GLU B 68 6.86 17.40 -2.87
CA GLU B 68 8.05 17.95 -2.20
C GLU B 68 8.16 19.44 -2.44
N LYS B 69 7.84 19.88 -3.67
CA LYS B 69 7.92 21.30 -4.02
C LYS B 69 6.92 22.11 -3.21
N HIS B 70 5.77 21.53 -2.91
CA HIS B 70 4.74 22.30 -2.22
C HIS B 70 5.13 22.54 -0.77
N SER B 71 5.34 21.48 0.00
CA SER B 71 5.59 21.65 1.43
C SER B 71 6.70 20.73 1.91
N SER B 72 7.68 21.33 2.60
CA SER B 72 8.73 20.61 3.28
C SER B 72 8.34 20.20 4.70
N LEU B 73 7.13 20.59 5.14
CA LEU B 73 6.66 20.31 6.50
C LEU B 73 6.30 18.85 6.71
N TYR B 74 6.28 18.05 5.65
CA TYR B 74 5.88 16.65 5.72
C TYR B 74 6.90 15.82 4.96
N LYS B 75 7.02 14.56 5.36
CA LYS B 75 7.58 13.54 4.52
C LYS B 75 6.46 12.81 3.79
N TYR B 76 6.79 12.23 2.64
CA TYR B 76 5.77 11.69 1.75
C TYR B 76 6.13 10.26 1.34
N ILE B 77 5.11 9.42 1.33
CA ILE B 77 5.15 8.08 0.75
C ILE B 77 4.05 8.02 -0.30
N ALA B 78 4.40 7.50 -1.49
CA ALA B 78 3.44 7.28 -2.56
C ALA B 78 3.48 5.80 -2.93
N SER B 79 2.32 5.15 -2.89
CA SER B 79 2.22 3.71 -3.10
C SER B 79 1.20 3.47 -4.19
N VAL B 80 1.55 2.62 -5.16
CA VAL B 80 0.71 2.41 -6.34
C VAL B 80 0.51 0.92 -6.55
N THR B 81 -0.73 0.47 -6.48
CA THR B 81 -1.10 -0.87 -6.89
C THR B 81 -1.55 -0.83 -8.34
N THR B 82 -0.98 -1.73 -9.14
CA THR B 82 -1.29 -1.86 -10.55
C THR B 82 -2.03 -3.15 -10.79
N LEU B 83 -3.18 -3.07 -11.44
CA LEU B 83 -3.97 -4.23 -11.80
C LEU B 83 -4.07 -4.27 -13.32
N ASN B 84 -3.65 -5.37 -13.93
CA ASN B 84 -3.90 -5.53 -15.37
C ASN B 84 -4.86 -6.68 -15.63
N ALA B 93 -15.94 -6.97 -17.23
CA ALA B 93 -15.57 -7.66 -15.98
C ALA B 93 -16.06 -6.88 -14.77
N ASN B 94 -16.27 -7.59 -13.67
CA ASN B 94 -16.69 -6.97 -12.40
C ASN B 94 -15.59 -7.21 -11.37
N PHE B 95 -14.83 -6.16 -11.06
CA PHE B 95 -13.82 -6.20 -10.04
C PHE B 95 -13.94 -4.94 -9.20
N SER B 96 -13.51 -5.02 -7.95
CA SER B 96 -13.28 -3.82 -7.16
C SER B 96 -11.89 -3.91 -6.53
N LEU B 97 -11.26 -2.74 -6.46
CA LEU B 97 -9.93 -2.59 -5.91
C LEU B 97 -10.02 -1.60 -4.77
N LYS B 98 -9.65 -2.02 -3.56
CA LYS B 98 -9.68 -1.16 -2.38
C LYS B 98 -8.31 -1.17 -1.71
N ASN B 99 -8.06 -0.14 -0.91
CA ASN B 99 -6.86 -0.10 -0.08
C ASN B 99 -7.16 0.34 1.35
N ASP B 100 -6.45 -0.27 2.29
CA ASP B 100 -6.50 0.17 3.67
C ASP B 100 -5.07 0.32 4.19
N ILE B 101 -4.90 1.18 5.18
CA ILE B 101 -3.58 1.53 5.68
C ILE B 101 -3.68 1.80 7.17
N GLY B 102 -2.79 1.18 7.93
CA GLY B 102 -2.71 1.44 9.35
C GLY B 102 -1.30 1.85 9.73
N ALA B 103 -1.19 2.57 10.84
CA ALA B 103 0.10 3.02 11.35
C ALA B 103 0.22 2.58 12.80
N SER B 104 1.44 2.24 13.20
CA SER B 104 1.71 1.81 14.57
C SER B 104 1.68 2.96 15.58
N TRP B 105 1.47 4.19 15.15
CA TRP B 105 1.38 5.33 16.04
C TRP B 105 0.20 6.18 15.60
N GLU B 106 -0.19 7.12 16.45
CA GLU B 106 -1.33 7.98 16.18
C GLU B 106 -0.88 9.42 16.06
N SER B 107 -1.40 10.12 15.05
CA SER B 107 -1.09 11.53 14.88
C SER B 107 -2.16 12.12 13.98
N LYS B 108 -2.89 13.11 14.51
CA LYS B 108 -3.94 13.74 13.73
C LYS B 108 -3.38 14.48 12.52
N LYS B 109 -2.09 14.81 12.54
CA LYS B 109 -1.42 15.49 11.44
C LYS B 109 -0.93 14.55 10.34
N ASP B 110 -0.87 13.24 10.58
CA ASP B 110 -0.59 12.29 9.51
C ASP B 110 -1.90 11.82 8.88
N GLY B 111 -1.91 11.69 7.55
CA GLY B 111 -3.11 11.32 6.85
C GLY B 111 -2.80 10.66 5.52
N ILE B 112 -3.85 10.17 4.87
CA ILE B 112 -3.72 9.48 3.58
C ILE B 112 -4.79 9.96 2.62
N PHE B 113 -4.53 9.79 1.33
CA PHE B 113 -5.50 10.05 0.26
C PHE B 113 -5.37 8.93 -0.77
N ASN B 114 -6.49 8.28 -1.10
CA ASN B 114 -6.58 7.27 -2.15
C ASN B 114 -7.21 7.87 -3.41
N TYR B 115 -6.72 7.42 -4.54
CA TYR B 115 -7.21 7.87 -5.84
C TYR B 115 -7.11 6.72 -6.83
N LYS B 116 -8.16 6.51 -7.60
CA LYS B 116 -8.20 5.41 -8.56
C LYS B 116 -8.08 5.95 -9.99
N LEU B 117 -7.24 5.31 -10.81
CA LEU B 117 -7.06 5.69 -12.21
C LEU B 117 -7.16 4.46 -13.11
N GLU B 118 -7.82 4.63 -14.26
CA GLU B 118 -8.05 3.53 -15.19
C GLU B 118 -7.53 3.86 -16.59
N ASP B 119 -7.18 2.79 -17.31
CA ASP B 119 -6.67 2.84 -18.67
C ASP B 119 -7.42 1.73 -19.43
N LYS B 120 -8.69 2.02 -19.78
CA LYS B 120 -9.57 1.01 -20.33
C LYS B 120 -9.05 0.37 -21.60
N ASN B 121 -8.13 1.04 -22.32
CA ASN B 121 -7.60 0.53 -23.57
C ASN B 121 -6.39 -0.37 -23.38
N ASN B 122 -5.58 -0.12 -22.36
CA ASN B 122 -4.48 -1.02 -22.01
C ASN B 122 -4.87 -2.00 -20.91
N ASN B 123 -6.15 -2.06 -20.54
CA ASN B 123 -6.70 -3.04 -19.60
C ASN B 123 -6.11 -2.91 -18.20
N GLU B 124 -5.81 -1.70 -17.75
CA GLU B 124 -5.05 -1.51 -16.53
C GLU B 124 -5.71 -0.50 -15.60
N CYS B 125 -5.68 -0.82 -14.30
CA CYS B 125 -6.25 0.00 -13.25
C CYS B 125 -5.17 0.35 -12.25
N TYR B 126 -5.16 1.59 -11.76
CA TYR B 126 -4.15 2.05 -10.80
C TYR B 126 -4.82 2.59 -9.54
N LEU B 127 -4.41 2.09 -8.39
CA LEU B 127 -4.85 2.62 -7.11
C LEU B 127 -3.64 3.25 -6.45
N ILE B 128 -3.64 4.56 -6.30
CA ILE B 128 -2.53 5.29 -5.69
C ILE B 128 -2.98 5.77 -4.33
N THR B 129 -2.08 5.68 -3.37
CA THR B 129 -2.30 6.14 -2.01
C THR B 129 -1.17 7.07 -1.62
N ILE B 130 -1.52 8.27 -1.19
CA ILE B 130 -0.54 9.22 -0.70
C ILE B 130 -0.61 9.21 0.82
N LEU B 131 0.54 9.09 1.46
CA LEU B 131 0.62 9.14 2.91
C LEU B 131 1.57 10.27 3.27
N TRP B 132 1.11 11.20 4.11
CA TRP B 132 1.96 12.30 4.55
C TRP B 132 2.24 12.17 6.05
N LEU B 133 3.51 12.35 6.41
CA LEU B 133 4.00 12.24 7.78
C LEU B 133 4.47 13.61 8.24
N HIS B 134 3.72 14.21 9.15
CA HIS B 134 4.06 15.55 9.64
C HIS B 134 5.36 15.51 10.44
N LYS B 135 6.29 16.40 10.09
CA LYS B 135 7.57 16.49 10.79
C LYS B 135 7.39 17.07 12.19
#